data_5ZLM
#
_entry.id   5ZLM
#
_cell.length_a   101.709
_cell.length_b   101.709
_cell.length_c   135.769
_cell.angle_alpha   90.00
_cell.angle_beta   90.00
_cell.angle_gamma   120.00
#
_symmetry.space_group_name_H-M   'P 31 2 1'
#
loop_
_entity.id
_entity.type
_entity.pdbx_description
1 polymer 'Spore coat protein A'
2 non-polymer 'COPPER (II) ION'
3 non-polymer GLYCEROL
4 non-polymer 1,2-ETHANEDIOL
5 water water
#
_entity_poly.entity_id   1
_entity_poly.type   'polypeptide(L)'
_entity_poly.pdbx_seq_one_letter_code
;MTLEKFVDALPIPDTLKPVQQSKEKTYYEVTMEECTHQLHRDLPPTRLWGYNGLFPGPTIEVKRNENVYVKWMNNLPSTH
FLPIDHTIHHSDSQHEEPEVKTVVHLHGGVTPDDSDGYPEAWFSKDFEQTGPYFKREVYHYPNQQRGAILWYHDHAMALT
RLNVYAGLVGAYIIHDPKEKRLKLPSDEYDVPLLITDRTINEDGSLFYPSAPENPSPSLPNPSIVPAFCGETILVNGKVW
PYLEVEPRKYRFRVINASNTRTYNLSLDNGGDFIQIGSDGGLLPRSVKLNSFSLAPAERYDIIIDFTAYEGESIILANSA
GCGGDVNPETDANIMQFRVTKPLAQKDESRKPKYLASYPSVQHERIQNIRTLKLAGTQDEYGRPVLLLNNKRWHDPVTET
PKVGTTEIWSIINPTRGTHPIHLHLVSFRVLDRRPFDIARYQESGELSYTGPAVPPPPSEKGWKDTIQAHAGEVLRIAAT
FGPYSGRYVWCCHILEHEDYDMMRPMDITDPHK
;
_entity_poly.pdbx_strand_id   A
#
loop_
_chem_comp.id
_chem_comp.type
_chem_comp.name
_chem_comp.formula
CU non-polymer 'COPPER (II) ION' 'Cu 2'
EDO non-polymer 1,2-ETHANEDIOL 'C2 H6 O2'
GOL non-polymer GLYCEROL 'C3 H8 O3'
#
# COMPACT_ATOMS: atom_id res chain seq x y z
N THR A 2 -16.57 -17.01 -14.07
CA THR A 2 -15.87 -18.31 -14.20
C THR A 2 -15.41 -18.83 -12.81
N LEU A 3 -14.32 -18.30 -12.22
CA LEU A 3 -13.67 -19.06 -11.11
C LEU A 3 -14.59 -19.17 -9.90
N GLU A 4 -14.82 -20.41 -9.44
CA GLU A 4 -15.76 -20.65 -8.38
C GLU A 4 -15.21 -20.01 -7.12
N LYS A 5 -16.04 -19.20 -6.46
CA LYS A 5 -15.61 -18.51 -5.24
C LYS A 5 -15.51 -19.46 -4.06
N PHE A 6 -14.52 -19.23 -3.19
CA PHE A 6 -14.48 -19.79 -1.86
C PHE A 6 -14.25 -21.33 -1.87
N VAL A 7 -13.31 -21.77 -2.72
CA VAL A 7 -12.91 -23.18 -2.80
C VAL A 7 -11.50 -23.47 -2.32
N ASP A 8 -10.71 -22.42 -2.04
CA ASP A 8 -9.36 -22.60 -1.59
C ASP A 8 -9.22 -21.91 -0.24
N ALA A 9 -8.54 -22.58 0.67
CA ALA A 9 -8.24 -21.98 1.97
C ALA A 9 -7.25 -20.80 1.85
N LEU A 10 -7.46 -19.81 2.72
CA LEU A 10 -6.59 -18.63 2.76
C LEU A 10 -5.19 -19.01 3.20
N PRO A 11 -4.17 -18.70 2.36
CA PRO A 11 -2.83 -18.88 2.84
C PRO A 11 -2.49 -17.82 3.88
N ILE A 12 -1.66 -18.20 4.85
CA ILE A 12 -1.12 -17.22 5.81
C ILE A 12 0.38 -17.26 5.66
N PRO A 13 0.99 -16.18 5.11
CA PRO A 13 2.42 -16.30 4.90
C PRO A 13 3.19 -16.64 6.15
N ASP A 14 4.20 -17.48 6.00
CA ASP A 14 5.05 -17.81 7.13
C ASP A 14 5.88 -16.57 7.50
N THR A 15 6.23 -16.53 8.76
CA THR A 15 7.06 -15.43 9.28
C THR A 15 8.51 -15.75 8.95
N LEU A 16 9.21 -14.76 8.39
CA LEU A 16 10.59 -14.91 7.94
C LEU A 16 11.50 -15.15 9.13
N LYS A 17 12.40 -16.12 8.99
CA LYS A 17 13.41 -16.38 10.02
C LYS A 17 14.72 -15.65 9.67
N PRO A 18 15.33 -15.02 10.66
CA PRO A 18 16.59 -14.33 10.41
C PRO A 18 17.71 -15.27 10.02
N VAL A 19 18.60 -14.78 9.17
CA VAL A 19 19.84 -15.50 8.88
C VAL A 19 20.77 -15.46 10.07
N GLN A 20 20.82 -14.32 10.76
CA GLN A 20 21.63 -14.14 11.94
C GLN A 20 20.90 -13.27 12.91
N GLN A 21 21.00 -13.57 14.21
CA GLN A 21 20.34 -12.69 15.18
C GLN A 21 21.09 -12.71 16.53
N SER A 22 21.29 -11.52 17.06
CA SER A 22 21.81 -11.31 18.41
C SER A 22 20.92 -10.31 19.11
N LYS A 23 21.21 -10.03 20.38
CA LYS A 23 20.50 -8.99 21.09
C LYS A 23 20.69 -7.64 20.39
N GLU A 24 21.80 -7.45 19.68
CA GLU A 24 22.14 -6.12 19.11
C GLU A 24 21.72 -5.91 17.66
N LYS A 25 21.52 -6.98 16.91
CA LYS A 25 21.27 -6.91 15.48
C LYS A 25 20.47 -8.12 14.98
N THR A 26 19.47 -7.90 14.13
CA THR A 26 18.76 -8.99 13.46
C THR A 26 18.97 -8.82 11.98
N TYR A 27 19.46 -9.86 11.31
CA TYR A 27 19.82 -9.79 9.91
C TYR A 27 19.07 -10.82 9.09
N TYR A 28 18.36 -10.33 8.09
CA TYR A 28 17.56 -11.09 7.15
C TYR A 28 18.14 -11.02 5.75
N GLU A 29 17.85 -12.05 4.95
CA GLU A 29 18.11 -12.07 3.51
C GLU A 29 16.84 -12.41 2.78
N VAL A 30 16.51 -11.61 1.78
CA VAL A 30 15.32 -11.85 0.96
C VAL A 30 15.71 -11.73 -0.49
N THR A 31 15.48 -12.77 -1.27
CA THR A 31 15.87 -12.77 -2.67
C THR A 31 14.66 -12.83 -3.61
N MET A 32 14.55 -11.87 -4.51
CA MET A 32 13.52 -11.83 -5.50
C MET A 32 13.78 -12.91 -6.56
N GLU A 33 12.80 -13.80 -6.73
CA GLU A 33 12.92 -14.96 -7.63
C GLU A 33 11.73 -15.16 -8.48
N GLU A 34 11.92 -15.66 -9.69
CA GLU A 34 10.72 -16.09 -10.39
C GLU A 34 10.30 -17.43 -9.74
N CYS A 35 9.01 -17.64 -9.69
CA CYS A 35 8.46 -18.75 -8.96
C CYS A 35 7.13 -19.09 -9.60
N THR A 36 6.58 -20.23 -9.22
CA THR A 36 5.35 -20.69 -9.76
C THR A 36 4.42 -21.10 -8.63
N HIS A 37 3.21 -20.54 -8.61
CA HIS A 37 2.22 -20.86 -7.59
C HIS A 37 0.84 -20.94 -8.18
N GLN A 38 0.01 -21.84 -7.63
CA GLN A 38 -1.35 -21.98 -8.11
C GLN A 38 -2.26 -21.03 -7.31
N LEU A 39 -2.98 -20.19 -8.02
CA LEU A 39 -3.76 -19.10 -7.40
C LEU A 39 -5.21 -19.45 -7.16
N HIS A 40 -5.67 -20.58 -7.71
CA HIS A 40 -7.03 -21.04 -7.55
C HIS A 40 -7.07 -22.52 -7.90
N ARG A 41 -7.94 -23.26 -7.23
CA ARG A 41 -8.11 -24.70 -7.47
C ARG A 41 -8.16 -25.06 -8.97
N ASP A 42 -8.81 -24.25 -9.78
CA ASP A 42 -9.13 -24.64 -11.13
C ASP A 42 -8.22 -23.97 -12.16
N LEU A 43 -7.13 -23.33 -11.71
CA LEU A 43 -6.15 -22.73 -12.63
C LEU A 43 -4.87 -23.52 -12.68
N PRO A 44 -4.24 -23.55 -13.84
CA PRO A 44 -2.89 -24.02 -13.93
C PRO A 44 -2.02 -23.06 -13.10
N PRO A 45 -0.90 -23.55 -12.58
CA PRO A 45 0.01 -22.67 -11.82
C PRO A 45 0.53 -21.46 -12.62
N THR A 46 0.73 -20.36 -11.90
CA THR A 46 1.01 -19.05 -12.46
C THR A 46 2.45 -18.69 -12.21
N ARG A 47 3.15 -18.23 -13.25
CA ARG A 47 4.51 -17.70 -13.17
C ARG A 47 4.45 -16.28 -12.56
N LEU A 48 5.24 -16.08 -11.51
CA LEU A 48 5.19 -14.85 -10.71
C LEU A 48 6.62 -14.47 -10.34
N TRP A 49 6.77 -13.27 -9.81
CA TRP A 49 7.98 -12.87 -9.15
C TRP A 49 7.66 -12.72 -7.67
N GLY A 50 8.48 -13.32 -6.84
CA GLY A 50 8.24 -13.32 -5.42
C GLY A 50 9.48 -13.18 -4.58
N TYR A 51 9.30 -12.43 -3.48
CA TYR A 51 10.26 -12.34 -2.44
C TYR A 51 10.47 -13.72 -1.79
N ASN A 52 11.72 -14.18 -1.81
CA ASN A 52 12.04 -15.60 -1.47
C ASN A 52 11.19 -16.61 -2.21
N GLY A 53 10.76 -16.26 -3.41
CA GLY A 53 9.92 -17.11 -4.29
C GLY A 53 8.55 -17.41 -3.74
N LEU A 54 8.03 -16.48 -2.95
CA LEU A 54 6.73 -16.61 -2.31
C LEU A 54 5.86 -15.46 -2.72
N PHE A 55 4.58 -15.72 -2.90
CA PHE A 55 3.57 -14.68 -3.17
C PHE A 55 2.34 -14.85 -2.26
N PRO A 56 2.09 -13.89 -1.37
CA PRO A 56 2.93 -12.74 -1.02
C PRO A 56 4.28 -13.18 -0.45
N GLY A 57 5.20 -12.24 -0.31
CA GLY A 57 6.41 -12.50 0.37
C GLY A 57 6.21 -12.90 1.84
N PRO A 58 7.29 -13.33 2.47
CA PRO A 58 7.19 -13.69 3.87
C PRO A 58 6.80 -12.52 4.73
N THR A 59 6.02 -12.78 5.76
CA THR A 59 5.71 -11.73 6.70
C THR A 59 6.94 -11.54 7.61
N ILE A 60 7.38 -10.29 7.75
CA ILE A 60 8.46 -9.97 8.66
C ILE A 60 7.87 -9.37 9.93
N GLU A 61 8.26 -9.91 11.08
CA GLU A 61 7.81 -9.46 12.37
C GLU A 61 9.00 -8.94 13.17
N VAL A 62 8.88 -7.71 13.64
CA VAL A 62 9.96 -7.09 14.40
C VAL A 62 9.37 -6.43 15.65
N LYS A 63 10.23 -6.14 16.64
CA LYS A 63 9.84 -5.34 17.76
C LYS A 63 10.17 -3.87 17.53
N ARG A 64 9.40 -3.00 18.18
CA ARG A 64 9.77 -1.60 18.24
C ARG A 64 11.20 -1.49 18.75
N ASN A 65 11.99 -0.64 18.08
CA ASN A 65 13.45 -0.47 18.36
C ASN A 65 14.38 -1.65 18.08
N GLU A 66 13.85 -2.73 17.49
CA GLU A 66 14.72 -3.81 17.06
C GLU A 66 15.58 -3.33 15.91
N ASN A 67 16.87 -3.65 16.02
CA ASN A 67 17.86 -3.15 15.08
C ASN A 67 17.94 -4.14 13.93
N VAL A 68 17.14 -3.89 12.87
CA VAL A 68 16.96 -4.86 11.81
C VAL A 68 17.67 -4.46 10.55
N TYR A 69 18.23 -5.45 9.88
CA TYR A 69 18.82 -5.30 8.52
C TYR A 69 18.25 -6.35 7.61
N VAL A 70 17.92 -5.94 6.36
CA VAL A 70 17.48 -6.85 5.35
C VAL A 70 18.30 -6.59 4.08
N LYS A 71 18.98 -7.64 3.65
CA LYS A 71 19.66 -7.66 2.35
C LYS A 71 18.66 -8.11 1.32
N TRP A 72 18.05 -7.13 0.64
CA TRP A 72 17.14 -7.42 -0.43
C TRP A 72 17.94 -7.66 -1.72
N MET A 73 17.83 -8.87 -2.28
CA MET A 73 18.57 -9.26 -3.46
C MET A 73 17.69 -9.55 -4.65
N ASN A 74 18.24 -9.30 -5.82
CA ASN A 74 17.59 -9.51 -7.10
C ASN A 74 18.22 -10.75 -7.74
N ASN A 75 17.41 -11.79 -7.92
CA ASN A 75 17.81 -12.99 -8.72
C ASN A 75 16.78 -13.26 -9.78
N LEU A 76 16.36 -12.20 -10.44
CA LEU A 76 15.30 -12.24 -11.43
C LEU A 76 15.90 -12.38 -12.85
N PRO A 77 15.07 -12.82 -13.80
CA PRO A 77 15.50 -12.82 -15.21
C PRO A 77 15.77 -11.42 -15.72
N SER A 78 16.60 -11.37 -16.77
CA SER A 78 16.94 -10.13 -17.43
C SER A 78 15.88 -9.52 -18.33
N THR A 79 14.83 -10.25 -18.59
CA THR A 79 13.74 -9.78 -19.38
C THR A 79 12.48 -9.90 -18.53
N HIS A 80 11.67 -8.86 -18.59
CA HIS A 80 10.41 -8.87 -17.86
C HIS A 80 9.42 -9.80 -18.55
N PHE A 81 8.40 -10.24 -17.83
CA PHE A 81 7.29 -11.01 -18.43
C PHE A 81 6.03 -10.19 -18.62
N LEU A 82 6.02 -8.99 -18.04
CA LEU A 82 4.92 -8.04 -18.24
C LEU A 82 5.33 -6.92 -19.17
N PRO A 83 4.36 -6.17 -19.73
CA PRO A 83 4.70 -5.28 -20.85
C PRO A 83 5.38 -3.99 -20.42
N ILE A 84 6.64 -3.79 -20.79
CA ILE A 84 7.38 -2.58 -20.46
C ILE A 84 7.14 -1.53 -21.54
N ASP A 85 6.76 -0.34 -21.07
CA ASP A 85 6.67 0.86 -21.90
C ASP A 85 7.98 1.65 -21.76
N HIS A 86 8.80 1.63 -22.80
CA HIS A 86 10.08 2.32 -22.76
C HIS A 86 9.94 3.84 -22.97
N THR A 87 8.77 4.31 -23.31
CA THR A 87 8.58 5.72 -23.65
C THR A 87 8.33 6.63 -22.46
N ILE A 88 8.03 6.07 -21.28
CA ILE A 88 7.66 6.89 -20.14
C ILE A 88 8.82 7.53 -19.38
N HIS A 89 10.01 6.98 -19.46
CA HIS A 89 11.13 7.64 -18.79
C HIS A 89 12.35 7.64 -19.72
N HIS A 90 13.19 8.67 -19.63
CA HIS A 90 14.45 8.73 -20.41
C HIS A 90 15.64 9.07 -19.50
N SER A 91 16.84 8.55 -19.83
CA SER A 91 18.06 8.81 -19.04
C SER A 91 19.21 9.35 -19.90
N GLU A 96 23.87 1.85 -21.29
CA GLU A 96 22.45 1.62 -21.13
C GLU A 96 22.09 0.71 -19.95
N GLU A 97 20.88 0.95 -19.50
CA GLU A 97 20.41 0.41 -18.25
C GLU A 97 19.77 -0.93 -18.50
N PRO A 98 19.74 -1.74 -17.46
CA PRO A 98 19.04 -2.99 -17.54
C PRO A 98 17.53 -2.81 -17.67
N GLU A 99 16.88 -3.72 -18.35
CA GLU A 99 15.46 -3.69 -18.50
C GLU A 99 14.74 -3.91 -17.16
N VAL A 100 15.21 -4.91 -16.43
CA VAL A 100 14.61 -5.31 -15.14
C VAL A 100 15.46 -4.69 -14.03
N LYS A 101 14.83 -3.82 -13.24
CA LYS A 101 15.46 -3.06 -12.14
C LYS A 101 14.51 -3.23 -10.94
N THR A 102 15.05 -3.34 -9.75
CA THR A 102 14.26 -3.53 -8.52
C THR A 102 14.82 -2.68 -7.40
N VAL A 103 13.93 -2.31 -6.46
CA VAL A 103 14.34 -1.73 -5.19
C VAL A 103 13.17 -1.88 -4.23
N VAL A 104 13.45 -2.16 -2.96
CA VAL A 104 12.37 -2.42 -1.98
C VAL A 104 12.13 -1.21 -1.11
N HIS A 105 10.89 -0.77 -1.09
CA HIS A 105 10.41 0.29 -0.18
C HIS A 105 9.61 -0.37 0.93
N LEU A 106 10.05 -0.15 2.15
CA LEU A 106 9.28 -0.50 3.34
C LEU A 106 8.32 0.63 3.61
N HIS A 107 7.08 0.39 3.20
CA HIS A 107 6.02 1.37 3.22
C HIS A 107 5.56 1.63 4.65
N GLY A 108 5.74 2.87 5.09
CA GLY A 108 5.54 3.24 6.48
C GLY A 108 6.79 3.23 7.37
N GLY A 109 7.94 2.80 6.83
CA GLY A 109 9.10 2.71 7.66
C GLY A 109 9.69 4.07 8.04
N VAL A 110 10.08 4.21 9.28
CA VAL A 110 10.88 5.37 9.71
C VAL A 110 12.30 4.93 9.45
N THR A 111 12.82 5.33 8.29
CA THR A 111 13.96 4.65 7.71
C THR A 111 14.99 5.68 7.19
N PRO A 112 16.27 5.45 7.47
CA PRO A 112 17.31 6.33 6.83
C PRO A 112 17.14 6.36 5.31
N ASP A 113 17.46 7.49 4.69
CA ASP A 113 17.13 7.69 3.30
C ASP A 113 17.66 6.65 2.32
N ASP A 114 18.86 6.15 2.54
CA ASP A 114 19.50 5.19 1.67
C ASP A 114 18.99 3.78 1.83
N SER A 115 18.10 3.60 2.82
CA SER A 115 17.38 2.33 3.02
C SER A 115 15.88 2.45 2.75
N ASP A 116 15.43 3.57 2.21
CA ASP A 116 14.00 3.81 2.01
C ASP A 116 13.48 3.24 0.69
N GLY A 117 14.39 2.82 -0.19
CA GLY A 117 14.00 2.28 -1.49
C GLY A 117 13.67 3.34 -2.52
N TYR A 118 14.54 4.34 -2.62
CA TYR A 118 14.39 5.41 -3.58
C TYR A 118 14.27 4.83 -4.99
N PRO A 119 13.38 5.38 -5.82
CA PRO A 119 13.14 4.81 -7.13
C PRO A 119 14.40 4.73 -8.02
N GLU A 120 15.34 5.66 -7.84
CA GLU A 120 16.61 5.64 -8.59
C GLU A 120 17.75 4.94 -7.86
N ALA A 121 17.45 4.27 -6.73
CA ALA A 121 18.39 3.41 -6.03
C ALA A 121 18.23 1.93 -6.38
N TRP A 122 17.73 1.69 -7.57
CA TRP A 122 17.45 0.38 -8.07
C TRP A 122 18.73 -0.40 -8.37
N PHE A 123 18.55 -1.68 -8.54
CA PHE A 123 19.65 -2.60 -8.83
C PHE A 123 19.14 -3.73 -9.68
N SER A 124 20.04 -4.26 -10.51
CA SER A 124 19.74 -5.45 -11.28
C SER A 124 20.25 -6.69 -10.56
N LYS A 125 20.20 -7.84 -11.24
CA LYS A 125 20.60 -9.09 -10.64
C LYS A 125 21.99 -8.99 -10.04
N ASP A 126 22.12 -9.44 -8.80
CA ASP A 126 23.40 -9.47 -8.06
C ASP A 126 24.03 -8.08 -7.94
N PHE A 127 23.22 -7.02 -8.01
CA PHE A 127 23.70 -5.62 -7.95
C PHE A 127 24.69 -5.31 -9.10
N GLU A 128 24.56 -6.02 -10.20
CA GLU A 128 25.58 -5.83 -11.28
C GLU A 128 25.55 -4.39 -11.78
N GLN A 129 24.34 -3.85 -11.98
CA GLN A 129 24.12 -2.48 -12.30
C GLN A 129 23.24 -1.83 -11.24
N THR A 130 23.54 -0.57 -10.91
CA THR A 130 22.83 0.15 -9.86
C THR A 130 22.49 1.53 -10.30
N GLY A 131 21.35 2.05 -9.82
CA GLY A 131 20.92 3.40 -10.19
C GLY A 131 21.71 4.50 -9.51
N PRO A 132 21.50 5.74 -9.98
CA PRO A 132 22.40 6.84 -9.59
C PRO A 132 22.28 7.23 -8.11
N TYR A 133 21.18 6.81 -7.44
CA TYR A 133 21.05 7.02 -5.98
C TYR A 133 21.28 5.81 -5.08
N PHE A 134 21.71 4.70 -5.66
CA PHE A 134 22.05 3.52 -4.91
C PHE A 134 23.21 3.81 -3.99
N LYS A 135 23.10 3.47 -2.72
CA LYS A 135 24.26 3.48 -1.82
C LYS A 135 24.62 2.20 -1.17
N ARG A 136 23.67 1.27 -0.93
CA ARG A 136 23.91 0.12 -0.07
C ARG A 136 23.11 -1.08 -0.46
N GLU A 137 23.69 -2.26 -0.22
CA GLU A 137 22.97 -3.51 -0.44
C GLU A 137 22.07 -3.89 0.71
N VAL A 138 22.54 -3.65 1.93
CA VAL A 138 21.83 -4.14 3.13
C VAL A 138 21.13 -2.99 3.76
N TYR A 139 19.78 -3.03 3.69
CA TYR A 139 18.95 -1.96 4.20
C TYR A 139 18.83 -2.04 5.73
N HIS A 140 18.71 -0.89 6.36
CA HIS A 140 18.70 -0.77 7.82
C HIS A 140 17.34 -0.19 8.24
N TYR A 141 16.61 -0.94 9.06
CA TYR A 141 15.32 -0.52 9.62
C TYR A 141 15.47 -0.48 11.15
N PRO A 142 15.74 0.69 11.71
CA PRO A 142 15.84 0.80 13.17
C PRO A 142 14.55 0.65 13.94
N ASN A 143 13.43 0.73 13.23
CA ASN A 143 12.11 0.51 13.83
C ASN A 143 11.83 1.39 15.04
N GLN A 144 12.31 2.64 15.04
CA GLN A 144 12.08 3.55 16.16
C GLN A 144 10.80 4.28 15.93
N GLN A 145 9.69 3.54 16.05
CA GLN A 145 8.42 4.01 15.66
C GLN A 145 7.32 3.18 16.31
N ARG A 146 6.11 3.70 16.21
CA ARG A 146 4.95 3.03 16.83
C ARG A 146 4.71 1.66 16.24
N GLY A 147 4.21 0.77 17.09
CA GLY A 147 3.69 -0.50 16.57
C GLY A 147 2.67 -0.26 15.49
N ALA A 148 2.74 -1.05 14.39
CA ALA A 148 1.87 -0.80 13.26
C ALA A 148 2.01 -1.90 12.21
N ILE A 149 1.08 -1.86 11.27
CA ILE A 149 1.14 -2.68 10.04
C ILE A 149 1.81 -1.87 8.95
N LEU A 150 2.97 -2.34 8.52
CA LEU A 150 3.67 -1.82 7.39
C LEU A 150 3.59 -2.88 6.29
N TRP A 151 4.12 -2.55 5.12
CA TRP A 151 4.22 -3.56 4.06
C TRP A 151 5.34 -3.13 3.15
N TYR A 152 5.93 -4.09 2.49
CA TYR A 152 7.08 -3.83 1.62
C TYR A 152 6.75 -4.21 0.21
N HIS A 153 7.31 -3.46 -0.73
CA HIS A 153 6.98 -3.67 -2.12
C HIS A 153 8.04 -3.03 -3.00
N ASP A 154 8.08 -3.47 -4.25
CA ASP A 154 9.01 -2.83 -5.21
C ASP A 154 8.67 -1.38 -5.46
N HIS A 155 9.72 -0.59 -5.76
CA HIS A 155 9.52 0.84 -6.07
CA HIS A 155 9.59 0.83 -6.01
C HIS A 155 10.51 1.31 -7.14
N ALA A 156 10.89 0.44 -8.05
CA ALA A 156 11.84 0.84 -9.09
C ALA A 156 11.29 1.82 -10.12
N MET A 157 12.12 2.82 -10.45
CA MET A 157 11.78 3.83 -11.45
C MET A 157 11.17 3.23 -12.71
N ALA A 158 9.95 3.69 -13.03
CA ALA A 158 9.25 3.39 -14.27
C ALA A 158 8.73 1.97 -14.33
N LEU A 159 8.90 1.18 -13.25
CA LEU A 159 8.55 -0.22 -13.27
C LEU A 159 7.65 -0.63 -12.11
N THR A 160 7.30 0.29 -11.22
CA THR A 160 6.63 -0.07 -9.96
C THR A 160 5.33 -0.81 -10.20
N ARG A 161 4.52 -0.32 -11.13
CA ARG A 161 3.24 -0.93 -11.38
C ARG A 161 3.41 -2.39 -11.87
N LEU A 162 4.49 -2.64 -12.62
CA LEU A 162 4.73 -3.96 -13.17
C LEU A 162 5.33 -4.91 -12.12
N ASN A 163 6.31 -4.42 -11.38
CA ASN A 163 7.00 -5.28 -10.45
C ASN A 163 6.09 -5.66 -9.26
N VAL A 164 5.26 -4.71 -8.84
CA VAL A 164 4.27 -5.04 -7.81
C VAL A 164 3.21 -6.02 -8.34
N TYR A 165 2.71 -5.75 -9.54
CA TYR A 165 1.71 -6.65 -10.14
C TYR A 165 2.26 -8.06 -10.30
N ALA A 166 3.56 -8.14 -10.59
CA ALA A 166 4.25 -9.42 -10.75
C ALA A 166 4.25 -10.27 -9.50
N GLY A 167 4.13 -9.63 -8.33
CA GLY A 167 3.99 -10.31 -7.05
C GLY A 167 4.87 -9.83 -5.92
N LEU A 168 5.62 -8.74 -6.14
CA LEU A 168 6.59 -8.25 -5.17
C LEU A 168 5.92 -7.33 -4.13
N VAL A 169 5.20 -8.01 -3.22
CA VAL A 169 4.57 -7.39 -2.04
C VAL A 169 4.69 -8.33 -0.85
N GLY A 170 4.71 -7.78 0.36
CA GLY A 170 4.72 -8.58 1.59
C GLY A 170 4.37 -7.71 2.78
N ALA A 171 4.04 -8.36 3.91
CA ALA A 171 3.69 -7.67 5.14
C ALA A 171 4.88 -7.56 6.09
N TYR A 172 4.90 -6.48 6.86
CA TYR A 172 5.94 -6.21 7.86
C TYR A 172 5.25 -5.62 9.10
N ILE A 173 5.29 -6.34 10.23
CA ILE A 173 4.57 -5.92 11.43
C ILE A 173 5.56 -5.52 12.51
N ILE A 174 5.36 -4.32 13.05
CA ILE A 174 6.10 -3.85 14.21
C ILE A 174 5.22 -4.08 15.44
N HIS A 175 5.76 -4.85 16.39
CA HIS A 175 5.16 -5.10 17.66
C HIS A 175 5.81 -4.24 18.75
N ASP A 176 4.98 -3.44 19.41
CA ASP A 176 5.44 -2.64 20.57
C ASP A 176 5.07 -3.40 21.87
N PRO A 177 6.08 -3.88 22.61
CA PRO A 177 5.76 -4.68 23.82
C PRO A 177 4.86 -3.92 24.78
N LYS A 178 4.88 -2.59 24.74
CA LYS A 178 4.05 -1.79 25.65
C LYS A 178 2.55 -1.93 25.35
N GLU A 179 2.22 -2.47 24.18
CA GLU A 179 0.85 -2.70 23.81
C GLU A 179 0.34 -4.08 24.28
N LYS A 180 1.22 -4.97 24.72
CA LYS A 180 0.84 -6.36 25.05
C LYS A 180 -0.20 -6.36 26.15
N ARG A 181 -0.12 -5.39 27.06
CA ARG A 181 -1.07 -5.29 28.17
C ARG A 181 -2.53 -5.03 27.74
N LEU A 182 -2.77 -4.55 26.51
CA LEU A 182 -4.10 -4.36 25.97
C LEU A 182 -4.83 -5.71 25.66
N LYS A 183 -4.07 -6.79 25.55
CA LYS A 183 -4.62 -8.13 25.31
C LYS A 183 -5.39 -8.24 24.03
N LEU A 184 -4.91 -7.53 22.99
CA LEU A 184 -5.54 -7.65 21.66
C LEU A 184 -5.29 -9.06 21.14
N PRO A 185 -6.21 -9.54 20.25
CA PRO A 185 -5.98 -10.88 19.70
C PRO A 185 -4.60 -10.99 19.11
N SER A 186 -3.95 -12.10 19.37
CA SER A 186 -2.55 -12.27 19.02
C SER A 186 -2.26 -13.64 18.47
N ASP A 187 -1.03 -13.81 18.00
CA ASP A 187 -0.50 -15.08 17.49
C ASP A 187 -1.37 -15.61 16.34
N GLU A 188 -1.92 -16.82 16.46
CA GLU A 188 -2.80 -17.37 15.39
C GLU A 188 -4.05 -16.57 15.14
N TYR A 189 -4.42 -15.69 16.09
CA TYR A 189 -5.63 -14.87 16.01
C TYR A 189 -5.35 -13.46 15.52
N ASP A 190 -4.17 -13.27 14.91
CA ASP A 190 -3.68 -11.98 14.37
C ASP A 190 -3.17 -12.32 12.99
N VAL A 191 -3.93 -11.98 11.97
CA VAL A 191 -3.77 -12.48 10.61
C VAL A 191 -3.70 -11.33 9.61
N PRO A 192 -2.58 -11.23 8.85
CA PRO A 192 -2.58 -10.22 7.79
C PRO A 192 -3.45 -10.65 6.63
N LEU A 193 -4.13 -9.67 5.99
CA LEU A 193 -4.93 -9.89 4.77
C LEU A 193 -4.45 -8.90 3.68
N LEU A 194 -3.59 -9.40 2.79
CA LEU A 194 -3.06 -8.61 1.68
C LEU A 194 -3.98 -8.81 0.50
N ILE A 195 -4.66 -7.74 0.11
CA ILE A 195 -5.67 -7.82 -0.95
C ILE A 195 -5.09 -7.30 -2.25
N THR A 196 -5.13 -8.13 -3.29
CA THR A 196 -4.58 -7.79 -4.59
C THR A 196 -5.58 -8.21 -5.67
N ASP A 197 -6.01 -7.29 -6.52
CA ASP A 197 -6.83 -7.70 -7.68
C ASP A 197 -5.92 -8.07 -8.86
N ARG A 198 -6.34 -9.09 -9.62
CA ARG A 198 -5.57 -9.59 -10.74
C ARG A 198 -6.54 -10.02 -11.85
N THR A 199 -6.04 -10.01 -13.06
CA THR A 199 -6.69 -10.66 -14.18
C THR A 199 -5.79 -11.79 -14.58
N ILE A 200 -6.37 -12.99 -14.74
CA ILE A 200 -5.63 -14.18 -15.00
C ILE A 200 -6.20 -14.88 -16.25
N ASN A 201 -5.29 -15.25 -17.14
CA ASN A 201 -5.64 -15.94 -18.37
C ASN A 201 -6.04 -17.40 -18.09
N GLU A 202 -6.71 -18.01 -19.06
CA GLU A 202 -7.07 -19.42 -18.94
C GLU A 202 -5.92 -20.36 -18.68
N ASP A 203 -4.74 -20.07 -19.24
CA ASP A 203 -3.56 -20.90 -19.01
C ASP A 203 -2.84 -20.61 -17.69
N GLY A 204 -3.44 -19.77 -16.86
CA GLY A 204 -2.92 -19.45 -15.53
C GLY A 204 -1.99 -18.24 -15.53
N SER A 205 -1.63 -17.72 -16.69
CA SER A 205 -0.65 -16.60 -16.70
C SER A 205 -1.36 -15.35 -16.31
N LEU A 206 -0.61 -14.48 -15.62
CA LEU A 206 -1.13 -13.15 -15.33
C LEU A 206 -1.37 -12.35 -16.60
N PHE A 207 -2.47 -11.62 -16.62
CA PHE A 207 -2.76 -10.67 -17.67
C PHE A 207 -2.52 -9.26 -17.14
N TYR A 208 -1.74 -8.48 -17.88
CA TYR A 208 -1.58 -7.04 -17.61
C TYR A 208 -1.63 -6.34 -18.96
N PRO A 209 -2.48 -5.33 -19.07
CA PRO A 209 -2.67 -4.77 -20.43
C PRO A 209 -1.43 -4.15 -21.05
N SER A 210 -1.27 -4.31 -22.36
CA SER A 210 -0.11 -3.75 -23.03
C SER A 210 -0.48 -2.44 -23.74
N ALA A 211 -1.74 -2.04 -23.60
CA ALA A 211 -2.26 -0.79 -24.19
C ALA A 211 -3.62 -0.47 -23.65
N PRO A 212 -4.01 0.82 -23.74
CA PRO A 212 -5.38 1.16 -23.38
C PRO A 212 -6.33 0.61 -24.46
N GLU A 213 -7.63 0.73 -24.24
CA GLU A 213 -8.60 0.32 -25.25
C GLU A 213 -8.52 1.22 -26.49
N ASN A 214 -8.65 0.61 -27.67
CA ASN A 214 -8.65 1.34 -28.94
C ASN A 214 -7.43 2.25 -29.11
N PRO A 215 -6.22 1.65 -29.15
CA PRO A 215 -4.99 2.40 -29.39
C PRO A 215 -4.82 2.77 -30.87
N SER A 216 -4.06 3.83 -31.15
CA SER A 216 -3.69 4.15 -32.53
C SER A 216 -2.45 3.35 -32.89
N PRO A 217 -2.11 3.28 -34.19
CA PRO A 217 -0.83 2.66 -34.62
C PRO A 217 0.42 3.49 -34.26
N SER A 218 0.23 4.77 -33.95
CA SER A 218 1.31 5.68 -33.52
C SER A 218 1.63 5.46 -32.04
N LEU A 219 0.60 5.05 -31.30
CA LEU A 219 0.71 4.84 -29.85
C LEU A 219 1.80 3.84 -29.54
N PRO A 220 2.65 4.14 -28.54
CA PRO A 220 3.68 3.17 -28.23
C PRO A 220 3.07 1.80 -27.93
N ASN A 221 3.82 0.75 -28.20
CA ASN A 221 3.35 -0.59 -27.94
C ASN A 221 4.54 -1.35 -27.40
N PRO A 222 4.53 -1.70 -26.12
CA PRO A 222 3.46 -1.46 -25.17
C PRO A 222 3.32 0.00 -24.80
N SER A 223 2.11 0.34 -24.34
CA SER A 223 1.82 1.62 -23.70
C SER A 223 1.31 1.45 -22.27
N ILE A 224 1.86 2.27 -21.36
CA ILE A 224 1.27 2.45 -20.05
C ILE A 224 -0.22 2.78 -20.14
N VAL A 225 -1.00 2.33 -19.15
CA VAL A 225 -2.41 2.67 -19.02
C VAL A 225 -2.59 3.46 -17.72
N PRO A 226 -3.64 4.31 -17.63
CA PRO A 226 -3.72 5.18 -16.45
C PRO A 226 -4.37 4.58 -15.26
N ALA A 227 -4.86 3.33 -15.37
CA ALA A 227 -5.53 2.62 -14.28
C ALA A 227 -5.64 1.16 -14.65
N PHE A 228 -5.58 0.29 -13.63
CA PHE A 228 -5.74 -1.15 -13.84
C PHE A 228 -6.79 -1.70 -12.90
N CYS A 229 -7.82 -2.35 -13.44
CA CYS A 229 -8.87 -2.98 -12.61
C CYS A 229 -8.87 -4.46 -12.94
N GLY A 230 -8.51 -5.30 -11.97
CA GLY A 230 -8.45 -6.73 -12.17
C GLY A 230 -9.80 -7.38 -12.05
N GLU A 231 -9.96 -8.46 -12.80
CA GLU A 231 -11.24 -9.21 -12.84
C GLU A 231 -11.51 -10.03 -11.60
N THR A 232 -10.45 -10.43 -10.90
CA THR A 232 -10.55 -11.31 -9.78
C THR A 232 -9.90 -10.70 -8.57
N ILE A 233 -10.40 -11.03 -7.39
CA ILE A 233 -9.81 -10.55 -6.14
C ILE A 233 -9.10 -11.70 -5.46
N LEU A 234 -7.86 -11.46 -5.03
CA LEU A 234 -7.05 -12.40 -4.26
C LEU A 234 -6.78 -11.83 -2.86
N VAL A 235 -6.76 -12.71 -1.86
CA VAL A 235 -6.26 -12.40 -0.55
C VAL A 235 -5.15 -13.37 -0.24
N ASN A 236 -4.00 -12.86 0.20
CA ASN A 236 -2.81 -13.64 0.47
C ASN A 236 -2.48 -14.62 -0.65
N GLY A 237 -2.60 -14.12 -1.88
CA GLY A 237 -2.17 -14.84 -3.07
C GLY A 237 -3.13 -15.91 -3.53
N LYS A 238 -4.36 -15.88 -3.06
CA LYS A 238 -5.37 -16.88 -3.45
C LYS A 238 -6.64 -16.20 -3.88
N VAL A 239 -7.20 -16.66 -5.01
CA VAL A 239 -8.44 -16.14 -5.53
C VAL A 239 -9.61 -16.46 -4.59
N TRP A 240 -10.39 -15.44 -4.23
CA TRP A 240 -11.62 -15.57 -3.43
C TRP A 240 -11.60 -16.71 -2.43
N PRO A 241 -10.71 -16.64 -1.44
CA PRO A 241 -10.50 -17.76 -0.54
C PRO A 241 -11.50 -17.78 0.59
N TYR A 242 -11.53 -18.89 1.31
CA TYR A 242 -12.19 -18.97 2.61
C TYR A 242 -11.17 -19.14 3.71
N LEU A 243 -11.54 -18.68 4.91
CA LEU A 243 -10.77 -18.89 6.11
C LEU A 243 -11.64 -19.47 7.18
N GLU A 244 -11.26 -20.65 7.67
CA GLU A 244 -11.91 -21.22 8.84
C GLU A 244 -11.44 -20.46 10.09
N VAL A 245 -12.36 -19.91 10.85
CA VAL A 245 -12.05 -19.19 12.08
C VAL A 245 -12.77 -19.87 13.29
N GLU A 246 -12.17 -19.69 14.45
CA GLU A 246 -12.82 -20.01 15.72
C GLU A 246 -13.87 -18.98 16.09
N PRO A 247 -14.89 -19.39 16.90
CA PRO A 247 -15.93 -18.46 17.26
C PRO A 247 -15.44 -17.57 18.41
N ARG A 248 -14.66 -16.55 18.05
CA ARG A 248 -13.97 -15.69 19.03
C ARG A 248 -13.46 -14.47 18.27
N LYS A 249 -12.71 -13.62 18.95
CA LYS A 249 -12.18 -12.38 18.35
C LYS A 249 -10.88 -12.64 17.61
N TYR A 250 -10.78 -12.05 16.43
CA TYR A 250 -9.59 -12.05 15.60
C TYR A 250 -9.20 -10.63 15.33
N ARG A 251 -7.87 -10.44 15.19
CA ARG A 251 -7.30 -9.19 14.71
C ARG A 251 -6.87 -9.47 13.25
N PHE A 252 -7.27 -8.60 12.34
CA PHE A 252 -6.81 -8.68 10.96
C PHE A 252 -6.07 -7.41 10.57
N ARG A 253 -4.94 -7.61 9.88
CA ARG A 253 -4.11 -6.50 9.39
C ARG A 253 -4.43 -6.39 7.92
N VAL A 254 -5.39 -5.53 7.62
CA VAL A 254 -5.96 -5.41 6.27
C VAL A 254 -5.11 -4.45 5.45
N ILE A 255 -4.52 -4.96 4.38
CA ILE A 255 -3.57 -4.18 3.55
C ILE A 255 -4.07 -4.15 2.11
N ASN A 256 -4.28 -2.96 1.53
CA ASN A 256 -4.56 -2.87 0.14
C ASN A 256 -3.26 -2.82 -0.67
N ALA A 257 -2.90 -3.98 -1.23
CA ALA A 257 -1.70 -4.13 -2.06
C ALA A 257 -1.99 -4.13 -3.54
N SER A 258 -3.15 -3.62 -3.95
CA SER A 258 -3.55 -3.52 -5.36
C SER A 258 -2.98 -2.27 -6.06
N ASN A 259 -2.84 -2.34 -7.37
CA ASN A 259 -2.23 -1.26 -8.14
C ASN A 259 -3.09 0.03 -8.12
N THR A 260 -4.38 -0.12 -8.40
CA THR A 260 -5.30 1.02 -8.60
C THR A 260 -6.54 0.94 -7.70
N ARG A 261 -7.08 -0.29 -7.59
CA ARG A 261 -8.41 -0.51 -7.03
C ARG A 261 -8.54 -0.05 -5.59
N THR A 262 -9.61 0.67 -5.32
CA THR A 262 -10.05 0.96 -3.96
C THR A 262 -11.14 0.00 -3.59
N TYR A 263 -11.15 -0.44 -2.34
CA TYR A 263 -12.21 -1.31 -1.79
C TYR A 263 -13.12 -0.55 -0.84
N ASN A 264 -14.36 -1.00 -0.73
CA ASN A 264 -15.22 -0.47 0.33
C ASN A 264 -15.84 -1.67 1.00
N LEU A 265 -15.31 -2.03 2.16
CA LEU A 265 -15.52 -3.37 2.74
C LEU A 265 -16.62 -3.38 3.77
N SER A 266 -17.37 -4.48 3.78
CA SER A 266 -18.40 -4.74 4.74
C SER A 266 -18.48 -6.26 4.96
N LEU A 267 -19.33 -6.66 5.89
CA LEU A 267 -19.67 -8.07 6.13
C LEU A 267 -21.10 -8.34 5.67
N ASP A 268 -21.30 -9.44 4.93
CA ASP A 268 -22.56 -9.61 4.22
C ASP A 268 -23.74 -9.91 5.15
N ASN A 269 -23.44 -10.24 6.40
CA ASN A 269 -24.49 -10.32 7.44
C ASN A 269 -24.85 -8.99 8.12
N GLY A 270 -24.23 -7.88 7.71
CA GLY A 270 -24.42 -6.57 8.32
C GLY A 270 -23.70 -6.37 9.63
N GLY A 271 -22.83 -7.31 10.04
CA GLY A 271 -22.09 -7.24 11.28
C GLY A 271 -21.02 -6.11 11.22
N ASP A 272 -20.59 -5.66 12.36
CA ASP A 272 -19.59 -4.60 12.44
C ASP A 272 -18.12 -5.09 12.51
N PHE A 273 -17.20 -4.22 12.09
CA PHE A 273 -15.78 -4.35 12.44
C PHE A 273 -15.53 -3.42 13.67
N ILE A 274 -14.48 -3.69 14.43
CA ILE A 274 -13.93 -2.68 15.34
C ILE A 274 -12.55 -2.29 14.77
N GLN A 275 -12.41 -1.03 14.38
CA GLN A 275 -11.05 -0.58 13.97
C GLN A 275 -10.24 -0.22 15.19
N ILE A 276 -9.01 -0.74 15.26
CA ILE A 276 -8.11 -0.48 16.38
C ILE A 276 -6.89 0.33 15.91
N GLY A 277 -6.63 0.29 14.61
CA GLY A 277 -5.43 0.96 14.09
C GLY A 277 -5.54 1.40 12.65
N SER A 278 -4.70 2.39 12.30
CA SER A 278 -4.60 2.93 10.98
C SER A 278 -3.14 2.72 10.52
N ASP A 279 -2.77 3.30 9.37
CA ASP A 279 -1.40 3.13 8.85
C ASP A 279 -0.33 3.30 9.89
N GLY A 280 -0.50 4.34 10.71
CA GLY A 280 0.53 4.75 11.66
C GLY A 280 0.43 4.20 13.07
N GLY A 281 -0.45 3.20 13.28
CA GLY A 281 -0.54 2.52 14.54
C GLY A 281 -1.94 2.60 15.15
N LEU A 282 -2.00 2.22 16.41
CA LEU A 282 -3.26 2.17 17.10
C LEU A 282 -3.90 3.55 17.15
N LEU A 283 -5.22 3.60 16.91
CA LEU A 283 -6.02 4.77 17.09
C LEU A 283 -6.02 5.07 18.61
N PRO A 284 -6.36 6.30 18.96
CA PRO A 284 -6.49 6.59 20.39
C PRO A 284 -7.62 5.78 21.04
N ARG A 285 -8.71 5.64 20.31
CA ARG A 285 -9.86 4.88 20.79
C ARG A 285 -10.32 3.97 19.67
N SER A 286 -10.79 2.79 20.05
CA SER A 286 -11.40 1.91 19.06
C SER A 286 -12.65 2.54 18.43
N VAL A 287 -12.94 2.12 17.23
CA VAL A 287 -13.98 2.68 16.39
C VAL A 287 -14.87 1.56 15.85
N LYS A 288 -16.14 1.53 16.22
CA LYS A 288 -17.08 0.56 15.63
C LYS A 288 -17.53 1.03 14.25
N LEU A 289 -17.42 0.15 13.26
CA LEU A 289 -17.65 0.45 11.84
C LEU A 289 -18.48 -0.62 11.19
N ASN A 290 -19.41 -0.23 10.34
CA ASN A 290 -20.13 -1.21 9.53
C ASN A 290 -19.46 -1.40 8.17
N SER A 291 -18.68 -0.42 7.76
CA SER A 291 -17.98 -0.48 6.50
C SER A 291 -16.82 0.50 6.52
N PHE A 292 -15.88 0.33 5.58
CA PHE A 292 -14.74 1.26 5.46
C PHE A 292 -14.16 1.20 4.05
N SER A 293 -13.67 2.36 3.60
CA SER A 293 -12.98 2.45 2.33
C SER A 293 -11.51 2.16 2.56
N LEU A 294 -10.86 1.62 1.53
CA LEU A 294 -9.47 1.17 1.67
C LEU A 294 -8.83 1.37 0.31
N ALA A 295 -8.11 2.48 0.14
CA ALA A 295 -7.49 2.79 -1.13
C ALA A 295 -6.09 2.17 -1.17
N PRO A 296 -5.47 2.15 -2.36
CA PRO A 296 -4.14 1.54 -2.43
C PRO A 296 -3.14 2.00 -1.39
N ALA A 297 -2.52 1.03 -0.74
CA ALA A 297 -1.49 1.19 0.31
C ALA A 297 -1.99 1.55 1.70
N GLU A 298 -3.30 1.78 1.86
CA GLU A 298 -3.87 1.97 3.17
C GLU A 298 -3.93 0.68 3.95
N ARG A 299 -3.84 0.79 5.28
CA ARG A 299 -4.01 -0.36 6.15
C ARG A 299 -5.05 -0.04 7.19
N TYR A 300 -5.94 -1.01 7.43
CA TYR A 300 -6.84 -0.97 8.55
C TYR A 300 -6.55 -2.13 9.47
N ASP A 301 -6.33 -1.84 10.74
CA ASP A 301 -6.07 -2.81 11.73
C ASP A 301 -7.38 -2.98 12.50
N ILE A 302 -7.98 -4.17 12.38
CA ILE A 302 -9.38 -4.36 12.82
C ILE A 302 -9.52 -5.60 13.66
N ILE A 303 -10.56 -5.60 14.49
CA ILE A 303 -11.01 -6.80 15.17
C ILE A 303 -12.38 -7.18 14.59
N ILE A 304 -12.52 -8.47 14.30
CA ILE A 304 -13.85 -9.04 13.93
C ILE A 304 -14.15 -10.05 15.01
N ASP A 305 -15.33 -9.92 15.61
CA ASP A 305 -15.73 -10.82 16.71
C ASP A 305 -16.76 -11.88 16.21
N PHE A 306 -16.29 -13.11 16.04
CA PHE A 306 -17.12 -14.17 15.49
C PHE A 306 -17.80 -14.97 16.61
N THR A 307 -17.67 -14.53 17.86
CA THR A 307 -18.15 -15.29 19.01
C THR A 307 -19.62 -15.71 18.86
N ALA A 308 -20.47 -14.80 18.41
CA ALA A 308 -21.92 -15.08 18.27
C ALA A 308 -22.34 -15.71 16.95
N TYR A 309 -21.37 -16.10 16.12
CA TYR A 309 -21.63 -16.51 14.76
C TYR A 309 -21.16 -17.91 14.45
N GLU A 310 -21.07 -18.77 15.46
CA GLU A 310 -20.56 -20.11 15.26
C GLU A 310 -21.34 -20.86 14.18
N GLY A 311 -20.61 -21.50 13.28
CA GLY A 311 -21.12 -22.31 12.17
C GLY A 311 -21.42 -21.50 10.92
N GLU A 312 -21.46 -20.17 11.04
CA GLU A 312 -21.88 -19.32 9.91
C GLU A 312 -20.76 -19.09 8.88
N SER A 313 -21.17 -18.84 7.64
CA SER A 313 -20.31 -18.33 6.56
C SER A 313 -20.65 -16.87 6.36
N ILE A 314 -19.63 -16.01 6.50
CA ILE A 314 -19.77 -14.57 6.38
C ILE A 314 -18.80 -14.08 5.30
N ILE A 315 -19.33 -13.39 4.30
CA ILE A 315 -18.51 -12.86 3.21
C ILE A 315 -18.02 -11.47 3.55
N LEU A 316 -16.70 -11.25 3.36
CA LEU A 316 -16.15 -9.92 3.35
C LEU A 316 -16.42 -9.39 1.95
N ALA A 317 -17.32 -8.41 1.91
CA ALA A 317 -17.91 -7.91 0.69
C ALA A 317 -17.38 -6.54 0.32
N ASN A 318 -17.54 -6.18 -0.94
CA ASN A 318 -16.99 -4.95 -1.51
C ASN A 318 -18.05 -4.26 -2.34
N SER A 319 -18.24 -2.96 -2.09
CA SER A 319 -19.24 -2.17 -2.85
C SER A 319 -18.63 -1.17 -3.81
N ALA A 320 -17.30 -1.03 -3.83
CA ALA A 320 -16.62 -0.07 -4.72
C ALA A 320 -16.36 -0.69 -6.06
N GLY A 321 -16.76 0.01 -7.11
CA GLY A 321 -16.42 -0.43 -8.44
C GLY A 321 -15.01 -0.04 -8.85
N CYS A 322 -14.57 -0.62 -9.95
CA CYS A 322 -13.30 -0.28 -10.58
C CYS A 322 -13.61 -0.32 -12.08
N GLY A 323 -13.73 0.87 -12.67
CA GLY A 323 -14.02 1.00 -14.11
C GLY A 323 -15.49 0.76 -14.44
N GLY A 324 -16.33 0.69 -13.42
CA GLY A 324 -17.76 0.40 -13.58
C GLY A 324 -18.36 0.07 -12.23
N ASP A 325 -19.65 -0.29 -12.20
CA ASP A 325 -20.29 -0.73 -10.98
C ASP A 325 -19.74 -2.11 -10.62
N VAL A 326 -19.69 -2.40 -9.33
CA VAL A 326 -19.20 -3.65 -8.83
C VAL A 326 -20.10 -4.80 -9.30
N ASN A 327 -19.52 -5.96 -9.58
CA ASN A 327 -20.25 -7.12 -10.03
C ASN A 327 -20.48 -8.04 -8.86
N PRO A 328 -21.76 -8.24 -8.48
CA PRO A 328 -22.08 -9.13 -7.37
C PRO A 328 -21.47 -10.52 -7.41
N GLU A 329 -21.19 -11.06 -8.58
CA GLU A 329 -20.67 -12.41 -8.69
C GLU A 329 -19.13 -12.46 -8.65
N THR A 330 -18.48 -11.30 -8.78
CA THR A 330 -17.00 -11.30 -8.90
C THR A 330 -16.41 -10.32 -7.89
N ASP A 331 -16.12 -9.09 -8.33
CA ASP A 331 -15.40 -8.13 -7.47
C ASP A 331 -16.19 -7.59 -6.29
N ALA A 332 -17.49 -7.89 -6.16
CA ALA A 332 -18.18 -7.62 -4.89
C ALA A 332 -17.77 -8.57 -3.74
N ASN A 333 -17.01 -9.62 -4.08
CA ASN A 333 -16.57 -10.60 -3.08
C ASN A 333 -15.08 -10.47 -2.82
N ILE A 334 -14.67 -10.54 -1.56
CA ILE A 334 -13.22 -10.58 -1.23
C ILE A 334 -12.84 -11.96 -0.75
N MET A 335 -13.45 -12.39 0.35
CA MET A 335 -13.19 -13.70 0.94
C MET A 335 -14.38 -14.12 1.81
N GLN A 336 -14.34 -15.37 2.27
CA GLN A 336 -15.41 -15.93 3.10
C GLN A 336 -14.87 -16.48 4.39
N PHE A 337 -15.39 -16.00 5.51
CA PHE A 337 -15.08 -16.58 6.80
C PHE A 337 -16.07 -17.70 7.09
N ARG A 338 -15.56 -18.81 7.55
CA ARG A 338 -16.38 -19.96 8.01
C ARG A 338 -16.10 -20.15 9.49
N VAL A 339 -17.09 -19.94 10.34
CA VAL A 339 -16.86 -19.98 11.77
C VAL A 339 -16.97 -21.44 12.28
N THR A 340 -16.07 -22.28 11.84
CA THR A 340 -16.18 -23.74 12.03
C THR A 340 -14.97 -24.38 12.66
N LYS A 341 -14.01 -23.57 13.09
CA LYS A 341 -12.85 -24.11 13.77
C LYS A 341 -13.12 -24.21 15.27
N PRO A 342 -12.89 -25.38 15.86
CA PRO A 342 -13.07 -25.48 17.30
C PRO A 342 -12.11 -24.56 18.06
N LEU A 343 -12.58 -24.02 19.17
CA LEU A 343 -11.72 -23.19 20.03
C LEU A 343 -10.49 -23.95 20.55
N ALA A 344 -9.28 -23.40 20.29
CA ALA A 344 -8.08 -24.06 20.79
C ALA A 344 -7.90 -23.81 22.28
N GLN A 345 -8.43 -22.70 22.74
CA GLN A 345 -8.42 -22.31 24.14
C GLN A 345 -9.45 -21.21 24.32
N LYS A 346 -9.70 -20.84 25.59
CA LYS A 346 -10.51 -19.70 25.90
C LYS A 346 -10.04 -18.44 25.15
N ASP A 347 -10.97 -17.64 24.67
CA ASP A 347 -10.68 -16.32 24.09
C ASP A 347 -10.34 -15.41 25.29
N GLU A 348 -9.04 -15.19 25.53
CA GLU A 348 -8.62 -14.21 26.54
C GLU A 348 -8.23 -12.86 25.98
N SER A 349 -8.51 -12.66 24.70
CA SER A 349 -8.38 -11.36 24.10
C SER A 349 -9.49 -10.37 24.43
N ARG A 350 -9.18 -9.11 24.15
CA ARG A 350 -10.05 -8.00 24.42
C ARG A 350 -10.23 -7.09 23.24
N LYS A 351 -11.28 -6.30 23.29
CA LYS A 351 -11.55 -5.27 22.32
C LYS A 351 -11.70 -3.93 23.06
N PRO A 352 -10.57 -3.46 23.64
CA PRO A 352 -10.67 -2.31 24.54
C PRO A 352 -11.07 -1.04 23.87
N LYS A 353 -11.70 -0.16 24.62
CA LYS A 353 -12.03 1.15 24.11
C LYS A 353 -10.77 2.04 24.09
N TYR A 354 -10.00 2.02 25.17
CA TYR A 354 -8.81 2.89 25.30
C TYR A 354 -7.61 2.22 24.81
N LEU A 355 -7.03 2.74 23.72
CA LEU A 355 -5.94 2.05 23.07
C LEU A 355 -4.63 2.79 23.19
N ALA A 356 -4.67 4.07 22.97
CA ALA A 356 -3.41 4.83 22.96
C ALA A 356 -3.64 6.30 23.25
N SER A 357 -2.58 7.01 23.56
CA SER A 357 -2.76 8.45 23.69
C SER A 357 -3.00 9.04 22.31
N TYR A 358 -3.64 10.21 22.34
CA TYR A 358 -4.08 10.89 21.14
C TYR A 358 -2.89 11.47 20.32
N PRO A 359 -3.07 11.68 18.99
CA PRO A 359 -2.06 12.43 18.20
C PRO A 359 -1.93 13.90 18.67
N GLU A 364 3.57 22.73 19.61
CA GLU A 364 3.83 22.30 18.23
C GLU A 364 3.49 23.37 17.19
N ARG A 365 4.54 23.99 16.65
CA ARG A 365 4.44 25.18 15.85
C ARG A 365 4.44 24.92 14.34
N ILE A 366 3.57 25.61 13.60
CA ILE A 366 3.51 25.45 12.13
C ILE A 366 4.62 26.26 11.43
N GLN A 367 5.59 25.55 10.88
CA GLN A 367 6.73 26.17 10.21
C GLN A 367 6.42 26.69 8.82
N ASN A 368 5.61 25.93 8.08
CA ASN A 368 5.35 26.18 6.72
C ASN A 368 3.99 25.56 6.36
N ILE A 369 3.32 26.20 5.41
CA ILE A 369 2.10 25.71 4.79
C ILE A 369 2.37 25.54 3.31
N ARG A 370 2.29 24.29 2.81
CA ARG A 370 2.57 24.00 1.42
C ARG A 370 1.30 23.74 0.70
N THR A 371 1.08 24.46 -0.41
CA THR A 371 -0.09 24.23 -1.22
C THR A 371 0.32 23.49 -2.45
N LEU A 372 -0.32 22.33 -2.67
CA LEU A 372 0.09 21.40 -3.70
C LEU A 372 -1.08 20.98 -4.53
N LYS A 373 -0.95 21.06 -5.86
CA LYS A 373 -2.03 20.69 -6.74
C LYS A 373 -1.76 19.31 -7.35
N LEU A 374 -2.84 18.55 -7.50
CA LEU A 374 -2.83 17.31 -8.30
C LEU A 374 -3.40 17.55 -9.69
N ALA A 375 -2.63 17.33 -10.74
CA ALA A 375 -3.18 17.56 -12.10
C ALA A 375 -2.41 16.81 -13.18
N GLY A 376 -2.92 16.78 -14.41
CA GLY A 376 -2.17 16.10 -15.51
C GLY A 376 -1.80 17.02 -16.67
N THR A 377 -0.81 16.62 -17.48
CA THR A 377 -0.67 17.19 -18.81
C THR A 377 -0.87 16.02 -19.79
N GLN A 378 -0.59 16.23 -21.08
CA GLN A 378 -0.72 15.15 -22.10
C GLN A 378 0.59 15.03 -22.81
N ASP A 379 0.97 13.84 -23.21
CA ASP A 379 2.25 13.66 -23.90
C ASP A 379 2.07 13.72 -25.42
N GLU A 380 3.12 13.44 -26.18
CA GLU A 380 3.05 13.52 -27.67
C GLU A 380 2.13 12.48 -28.30
N TYR A 381 1.82 11.43 -27.54
CA TYR A 381 0.92 10.37 -28.00
C TYR A 381 -0.51 10.60 -27.50
N GLY A 382 -0.75 11.72 -26.82
CA GLY A 382 -2.07 12.06 -26.25
C GLY A 382 -2.45 11.37 -24.91
N ARG A 383 -1.49 10.70 -24.28
CA ARG A 383 -1.79 10.01 -22.99
C ARG A 383 -1.70 11.01 -21.86
N PRO A 384 -2.51 10.83 -20.82
CA PRO A 384 -2.36 11.63 -19.62
C PRO A 384 -1.05 11.34 -18.90
N VAL A 385 -0.40 12.41 -18.43
CA VAL A 385 0.77 12.34 -17.59
C VAL A 385 0.38 13.03 -16.29
N LEU A 386 0.25 12.29 -15.21
CA LEU A 386 -0.27 12.83 -13.96
C LEU A 386 0.88 13.39 -13.13
N LEU A 387 0.73 14.61 -12.60
CA LEU A 387 1.84 15.30 -11.97
C LEU A 387 1.45 15.84 -10.61
N LEU A 388 2.46 15.85 -9.73
CA LEU A 388 2.34 16.49 -8.45
C LEU A 388 2.86 17.95 -8.55
N ASN A 389 1.94 18.87 -8.37
CA ASN A 389 2.21 20.33 -8.41
C ASN A 389 3.00 20.82 -9.60
N ASN A 390 2.58 20.36 -10.79
CA ASN A 390 3.10 20.81 -12.08
C ASN A 390 4.49 20.38 -12.47
N LYS A 391 5.07 19.46 -11.70
CA LYS A 391 6.46 19.10 -11.90
C LYS A 391 6.60 17.65 -12.31
N ARG A 392 7.60 17.36 -13.12
CA ARG A 392 8.03 15.99 -13.35
C ARG A 392 8.88 15.47 -12.19
N TRP A 393 8.95 14.15 -12.05
CA TRP A 393 9.87 13.56 -11.10
C TRP A 393 11.26 14.19 -11.19
N HIS A 394 11.75 14.34 -12.43
CA HIS A 394 13.14 14.76 -12.65
C HIS A 394 13.40 16.26 -12.48
N ASP A 395 12.36 17.05 -12.31
CA ASP A 395 12.55 18.48 -12.08
C ASP A 395 13.19 18.71 -10.73
N PRO A 396 13.90 19.83 -10.59
CA PRO A 396 14.44 20.14 -9.31
C PRO A 396 13.44 20.05 -8.14
N VAL A 397 13.94 19.51 -7.04
CA VAL A 397 13.11 19.32 -5.83
C VAL A 397 12.50 20.62 -5.33
N THR A 398 11.22 20.57 -4.99
CA THR A 398 10.46 21.71 -4.43
C THR A 398 9.92 21.50 -3.04
N GLU A 399 9.67 20.25 -2.66
CA GLU A 399 9.13 19.97 -1.35
C GLU A 399 10.32 19.70 -0.44
N THR A 400 10.72 20.73 0.33
CA THR A 400 11.95 20.74 1.08
C THR A 400 11.75 21.13 2.54
N PRO A 401 11.00 20.30 3.27
CA PRO A 401 10.82 20.60 4.70
C PRO A 401 12.09 20.50 5.51
N LYS A 402 12.15 21.29 6.58
CA LYS A 402 13.27 21.29 7.46
C LYS A 402 13.09 20.25 8.53
N VAL A 403 14.16 19.53 8.85
CA VAL A 403 14.10 18.49 9.86
C VAL A 403 13.63 19.03 11.22
N GLY A 404 12.78 18.26 11.88
CA GLY A 404 12.29 18.61 13.21
C GLY A 404 11.17 19.64 13.17
N THR A 405 10.74 20.05 11.98
CA THR A 405 9.68 21.05 11.90
C THR A 405 8.35 20.44 11.45
N THR A 406 7.27 21.13 11.78
CA THR A 406 5.92 20.71 11.43
C THR A 406 5.39 21.59 10.29
N GLU A 407 4.76 20.97 9.30
CA GLU A 407 4.13 21.66 8.21
C GLU A 407 2.70 21.20 8.01
N ILE A 408 1.91 22.10 7.48
CA ILE A 408 0.59 21.78 6.94
C ILE A 408 0.74 21.66 5.44
N TRP A 409 0.26 20.55 4.87
CA TRP A 409 0.20 20.42 3.41
C TRP A 409 -1.24 20.46 2.97
N SER A 410 -1.53 21.36 2.05
CA SER A 410 -2.87 21.55 1.53
C SER A 410 -2.91 21.05 0.12
N ILE A 411 -3.56 19.89 -0.06
CA ILE A 411 -3.55 19.18 -1.33
C ILE A 411 -4.85 19.48 -2.08
N ILE A 412 -4.70 20.16 -3.21
CA ILE A 412 -5.82 20.53 -4.03
C ILE A 412 -6.00 19.52 -5.14
N ASN A 413 -7.17 18.89 -5.17
CA ASN A 413 -7.49 17.92 -6.20
C ASN A 413 -8.62 18.36 -7.10
N PRO A 414 -8.29 19.01 -8.23
CA PRO A 414 -9.28 19.39 -9.24
C PRO A 414 -9.58 18.31 -10.28
N THR A 415 -9.01 17.10 -10.11
CA THR A 415 -9.24 16.03 -11.08
C THR A 415 -10.56 15.29 -10.77
N ARG A 416 -10.90 14.34 -11.62
CA ARG A 416 -12.19 13.65 -11.52
C ARG A 416 -12.22 12.51 -10.51
N GLY A 417 -11.06 12.07 -10.03
CA GLY A 417 -11.05 10.92 -9.11
C GLY A 417 -10.17 11.13 -7.91
N THR A 418 -10.24 10.18 -6.98
CA THR A 418 -9.46 10.21 -5.77
C THR A 418 -8.03 9.75 -6.03
N HIS A 419 -7.07 10.39 -5.37
CA HIS A 419 -5.64 9.96 -5.39
C HIS A 419 -5.26 9.64 -3.96
N PRO A 420 -4.70 8.42 -3.71
CA PRO A 420 -4.16 8.06 -2.42
C PRO A 420 -2.72 8.57 -2.26
N ILE A 421 -2.57 9.71 -1.62
CA ILE A 421 -1.26 10.36 -1.50
C ILE A 421 -0.46 9.79 -0.33
N HIS A 422 0.81 9.43 -0.58
CA HIS A 422 1.68 8.87 0.40
C HIS A 422 2.90 9.77 0.61
N LEU A 423 3.23 10.06 1.87
CA LEU A 423 4.49 10.69 2.23
C LEU A 423 5.39 9.62 2.83
N HIS A 424 6.63 9.51 2.36
CA HIS A 424 7.61 8.67 2.98
C HIS A 424 8.13 9.26 4.29
N LEU A 425 8.78 8.40 5.07
CA LEU A 425 9.40 8.68 6.37
C LEU A 425 8.42 8.93 7.53
N VAL A 426 7.48 9.82 7.28
CA VAL A 426 6.61 10.34 8.34
C VAL A 426 5.26 9.68 8.33
N SER A 427 4.60 9.74 9.48
CA SER A 427 3.16 9.63 9.49
C SER A 427 2.61 11.02 9.85
N PHE A 428 1.37 11.26 9.52
CA PHE A 428 0.79 12.58 9.62
C PHE A 428 -0.61 12.49 10.19
N ARG A 429 -1.13 13.65 10.61
CA ARG A 429 -2.49 13.80 11.09
C ARG A 429 -3.30 14.40 9.97
N VAL A 430 -4.57 14.08 9.94
CA VAL A 430 -5.48 14.64 8.97
C VAL A 430 -6.27 15.78 9.63
N LEU A 431 -6.24 16.96 9.02
CA LEU A 431 -6.90 18.14 9.64
C LEU A 431 -8.33 18.26 9.15
N ASP A 432 -8.52 18.31 7.83
CA ASP A 432 -9.84 18.46 7.26
C ASP A 432 -9.91 18.29 5.76
N ARG A 433 -11.14 18.19 5.23
CA ARG A 433 -11.38 18.26 3.82
C ARG A 433 -12.42 19.37 3.51
N ARG A 434 -12.28 20.01 2.36
CA ARG A 434 -13.21 21.12 2.03
C ARG A 434 -13.40 21.21 0.56
N PRO A 435 -14.66 21.22 0.11
CA PRO A 435 -14.99 21.25 -1.31
C PRO A 435 -14.77 22.63 -1.95
N PHE A 436 -14.33 22.64 -3.21
CA PHE A 436 -14.10 23.89 -3.93
C PHE A 436 -14.62 23.84 -5.36
N ASP A 437 -14.68 25.03 -5.96
CA ASP A 437 -15.20 25.22 -7.31
C ASP A 437 -14.14 24.83 -8.30
N ILE A 438 -14.26 23.62 -8.85
CA ILE A 438 -13.25 23.09 -9.78
C ILE A 438 -13.09 23.98 -11.03
N ALA A 439 -14.17 24.26 -11.75
CA ALA A 439 -14.04 25.10 -12.98
C ALA A 439 -13.35 26.45 -12.73
N ARG A 440 -13.67 27.09 -11.60
CA ARG A 440 -13.02 28.35 -11.27
C ARG A 440 -11.52 28.20 -11.08
N TYR A 441 -11.16 27.14 -10.34
CA TYR A 441 -9.76 26.85 -10.09
C TYR A 441 -9.02 26.56 -11.41
N GLN A 442 -9.63 25.77 -12.27
CA GLN A 442 -9.00 25.42 -13.56
C GLN A 442 -8.81 26.67 -14.45
N GLU A 443 -9.81 27.53 -14.42
CA GLU A 443 -9.83 28.74 -15.27
C GLU A 443 -8.91 29.86 -14.81
N SER A 444 -8.72 29.96 -13.49
CA SER A 444 -8.06 31.14 -12.90
C SER A 444 -6.97 30.84 -11.88
N GLY A 445 -6.89 29.61 -11.37
CA GLY A 445 -5.98 29.35 -10.24
C GLY A 445 -6.56 29.77 -8.91
N GLU A 446 -7.76 30.35 -8.91
CA GLU A 446 -8.37 30.89 -7.69
C GLU A 446 -9.13 29.78 -6.97
N LEU A 447 -8.86 29.65 -5.68
CA LEU A 447 -9.50 28.65 -4.87
C LEU A 447 -10.67 29.29 -4.14
N SER A 448 -11.88 28.86 -4.49
CA SER A 448 -13.09 29.34 -3.87
C SER A 448 -13.88 28.18 -3.29
N TYR A 449 -13.95 28.15 -1.96
CA TYR A 449 -14.60 27.06 -1.26
C TYR A 449 -16.12 27.13 -1.42
N THR A 450 -16.72 25.96 -1.58
CA THR A 450 -18.15 25.82 -1.79
C THR A 450 -18.82 25.22 -0.56
N GLY A 451 -18.10 25.15 0.55
CA GLY A 451 -18.65 24.53 1.74
C GLY A 451 -17.64 24.61 2.86
N PRO A 452 -18.09 24.32 4.09
CA PRO A 452 -17.24 24.38 5.23
C PRO A 452 -16.28 23.20 5.25
N ALA A 453 -15.20 23.37 5.97
CA ALA A 453 -14.23 22.33 6.18
C ALA A 453 -14.86 21.24 7.03
N VAL A 454 -14.54 19.99 6.71
CA VAL A 454 -15.08 18.81 7.38
C VAL A 454 -13.90 18.06 8.01
N PRO A 455 -13.93 17.81 9.31
CA PRO A 455 -12.86 17.09 9.98
C PRO A 455 -12.89 15.64 9.56
N PRO A 456 -11.79 14.96 9.78
CA PRO A 456 -11.75 13.56 9.37
C PRO A 456 -12.73 12.70 10.14
N PRO A 457 -13.15 11.57 9.51
CA PRO A 457 -13.88 10.56 10.28
C PRO A 457 -13.01 9.99 11.37
N PRO A 458 -13.60 9.31 12.35
CA PRO A 458 -12.88 8.71 13.45
C PRO A 458 -11.67 7.84 12.99
N SER A 459 -11.90 7.12 11.90
CA SER A 459 -10.87 6.23 11.34
C SER A 459 -9.59 7.01 11.00
N GLU A 460 -9.74 8.33 10.78
CA GLU A 460 -8.62 9.18 10.35
C GLU A 460 -8.25 10.22 11.42
N LYS A 461 -8.58 9.93 12.67
CA LYS A 461 -8.15 10.77 13.79
C LYS A 461 -6.88 10.33 14.46
N GLY A 462 -6.22 9.27 13.93
CA GLY A 462 -4.94 8.82 14.43
C GLY A 462 -3.85 9.22 13.42
N TRP A 463 -2.94 8.29 13.19
CA TRP A 463 -1.76 8.55 12.34
C TRP A 463 -1.89 7.85 11.00
N LYS A 464 -1.63 8.58 9.93
CA LYS A 464 -1.77 8.09 8.56
C LYS A 464 -0.47 8.29 7.80
N ASP A 465 -0.22 7.42 6.83
CA ASP A 465 0.82 7.68 5.84
C ASP A 465 0.38 7.70 4.40
N THR A 466 -0.84 7.25 4.12
CA THR A 466 -1.42 7.22 2.78
C THR A 466 -2.86 7.64 2.95
N ILE A 467 -3.28 8.63 2.19
CA ILE A 467 -4.52 9.33 2.49
C ILE A 467 -5.29 9.64 1.22
N GLN A 468 -6.59 9.39 1.23
CA GLN A 468 -7.40 9.66 0.06
C GLN A 468 -7.68 11.18 -0.08
N ALA A 469 -7.17 11.75 -1.16
CA ALA A 469 -7.50 13.12 -1.56
C ALA A 469 -8.55 13.02 -2.61
N HIS A 470 -9.78 13.24 -2.20
CA HIS A 470 -10.94 13.10 -3.10
C HIS A 470 -11.12 14.28 -4.08
N ALA A 471 -11.81 13.99 -5.16
CA ALA A 471 -12.02 14.96 -6.26
C ALA A 471 -12.80 16.16 -5.77
N GLY A 472 -12.39 17.34 -6.25
CA GLY A 472 -13.08 18.60 -5.88
C GLY A 472 -12.97 19.02 -4.44
N GLU A 473 -11.95 18.53 -3.74
CA GLU A 473 -11.69 18.88 -2.38
C GLU A 473 -10.25 19.29 -2.15
N VAL A 474 -10.06 20.15 -1.16
CA VAL A 474 -8.76 20.44 -0.61
C VAL A 474 -8.65 19.60 0.65
N LEU A 475 -7.60 18.79 0.70
CA LEU A 475 -7.26 18.01 1.86
C LEU A 475 -6.07 18.60 2.58
N ARG A 476 -6.23 18.84 3.86
CA ARG A 476 -5.15 19.31 4.70
C ARG A 476 -4.65 18.27 5.70
N ILE A 477 -3.33 18.05 5.68
CA ILE A 477 -2.65 17.18 6.63
C ILE A 477 -1.54 17.95 7.32
N ALA A 478 -1.10 17.45 8.45
CA ALA A 478 0.03 18.01 9.18
C ALA A 478 1.03 16.95 9.58
N ALA A 479 2.32 17.20 9.32
CA ALA A 479 3.39 16.29 9.63
C ALA A 479 4.57 16.98 10.23
N THR A 480 5.25 16.30 11.11
CA THR A 480 6.51 16.75 11.65
C THR A 480 7.59 15.92 10.99
N PHE A 481 8.53 16.61 10.36
CA PHE A 481 9.49 15.93 9.47
C PHE A 481 10.77 15.52 10.19
N GLY A 482 10.92 14.22 10.38
CA GLY A 482 12.10 13.68 11.01
C GLY A 482 11.74 12.24 11.36
N PRO A 483 12.55 11.57 12.16
CA PRO A 483 13.75 12.09 12.86
C PRO A 483 14.99 12.25 11.97
N TYR A 484 14.96 11.65 10.79
CA TYR A 484 16.09 11.65 9.87
C TYR A 484 15.96 12.78 8.86
N SER A 485 17.12 13.28 8.37
CA SER A 485 17.14 14.14 7.19
C SER A 485 17.58 13.32 5.97
N GLY A 486 17.35 13.85 4.78
CA GLY A 486 17.78 13.17 3.57
C GLY A 486 16.81 13.30 2.42
N ARG A 487 17.05 12.50 1.39
CA ARG A 487 16.25 12.53 0.21
C ARG A 487 15.21 11.41 0.26
N TYR A 488 13.94 11.80 0.31
CA TYR A 488 12.82 10.88 0.35
C TYR A 488 11.89 11.19 -0.84
N VAL A 489 10.63 10.76 -0.76
CA VAL A 489 9.67 10.79 -1.86
C VAL A 489 8.30 11.10 -1.27
N TRP A 490 7.44 11.74 -2.06
CA TRP A 490 6.03 11.69 -1.86
C TRP A 490 5.38 11.38 -3.18
N CYS A 491 4.24 10.69 -3.14
CA CYS A 491 3.72 10.10 -4.37
C CYS A 491 2.24 9.80 -4.27
N CYS A 492 1.62 9.59 -5.43
CA CYS A 492 0.33 8.96 -5.49
C CYS A 492 0.56 7.47 -5.58
N HIS A 493 -0.18 6.72 -4.77
CA HIS A 493 -0.02 5.27 -4.73
C HIS A 493 -0.92 4.47 -5.66
N ILE A 494 -1.56 5.11 -6.62
CA ILE A 494 -2.10 4.41 -7.77
C ILE A 494 -0.90 4.21 -8.67
N LEU A 495 -0.43 2.97 -8.78
CA LEU A 495 0.86 2.73 -9.37
C LEU A 495 0.93 3.17 -10.84
N GLU A 496 -0.16 3.02 -11.57
CA GLU A 496 -0.26 3.48 -12.95
C GLU A 496 -0.05 5.01 -13.05
N HIS A 497 -0.42 5.73 -11.99
CA HIS A 497 -0.20 7.22 -11.88
C HIS A 497 1.24 7.48 -11.48
N GLU A 498 1.65 6.81 -10.41
CA GLU A 498 3.02 6.94 -9.88
C GLU A 498 4.09 6.85 -10.97
N ASP A 499 3.97 5.88 -11.88
CA ASP A 499 5.01 5.62 -12.85
C ASP A 499 5.02 6.67 -14.00
N TYR A 500 3.97 7.47 -14.12
CA TYR A 500 3.86 8.45 -15.21
C TYR A 500 2.91 9.58 -14.88
N ASP A 501 3.33 10.53 -14.03
CA ASP A 501 4.65 10.61 -13.41
C ASP A 501 4.40 11.23 -12.03
N MET A 502 3.45 10.66 -11.29
CA MET A 502 2.88 11.29 -10.11
C MET A 502 3.66 10.93 -8.82
N MET A 503 4.94 11.31 -8.82
CA MET A 503 5.85 11.06 -7.74
C MET A 503 6.87 12.18 -7.78
N ARG A 504 7.29 12.65 -6.61
CA ARG A 504 8.31 13.70 -6.50
C ARG A 504 9.28 13.45 -5.39
N PRO A 505 10.53 13.94 -5.54
CA PRO A 505 11.49 13.88 -4.46
C PRO A 505 11.03 14.79 -3.33
N MET A 506 11.40 14.47 -2.11
CA MET A 506 11.06 15.27 -0.94
C MET A 506 12.34 15.25 -0.14
N ASP A 507 12.96 16.43 0.01
CA ASP A 507 14.19 16.59 0.79
C ASP A 507 13.86 17.11 2.17
N ILE A 508 14.24 16.36 3.19
CA ILE A 508 14.14 16.84 4.54
C ILE A 508 15.50 17.38 4.90
N THR A 509 15.60 18.69 5.12
CA THR A 509 16.95 19.33 5.19
C THR A 509 17.41 19.54 6.62
N ASP A 510 18.72 19.58 6.82
CA ASP A 510 19.28 19.86 8.13
C ASP A 510 20.27 21.03 7.94
N PRO A 511 20.00 22.20 8.55
CA PRO A 511 20.88 23.38 8.34
C PRO A 511 22.31 23.20 8.85
CU CU B . -3.11 9.32 -8.58
CU CU C . 6.21 4.70 1.47
CU CU D . 4.06 2.00 -0.90
C1 GOL E . 18.69 6.83 -1.79
O1 GOL E . 19.25 5.51 -1.79
C2 GOL E . 19.73 7.76 -1.18
O2 GOL E . 20.84 7.95 -2.08
C3 GOL E . 19.01 9.05 -0.88
O3 GOL E . 19.97 10.04 -0.58
C1 GOL F . 9.88 28.35 7.02
O1 GOL F . 9.61 27.52 5.89
C2 GOL F . 11.36 28.55 7.22
O2 GOL F . 11.99 27.37 7.74
C3 GOL F . 11.99 28.89 5.89
O3 GOL F . 11.95 27.79 4.99
C1 EDO G . -7.20 -19.66 12.17
O1 EDO G . -7.32 -19.47 13.58
C2 EDO G . -6.19 -18.71 11.48
O2 EDO G . -4.97 -18.60 12.20
C1 EDO H . -13.51 6.26 7.09
O1 EDO H . -13.89 6.89 5.87
C2 EDO H . -13.80 4.76 6.94
O2 EDO H . -13.17 4.28 5.73
C1 EDO I . -21.09 -10.39 -1.52
O1 EDO I . -21.97 -10.16 -0.44
C2 EDO I . -21.68 -9.75 -2.77
O2 EDO I . -22.67 -10.66 -3.29
C1 EDO J . 3.75 5.03 9.49
O1 EDO J . 2.47 5.36 9.14
C2 EDO J . 3.86 3.50 9.58
O2 EDO J . 3.24 2.93 10.69
C1 EDO K . 17.27 -8.59 -13.21
O1 EDO K . 17.43 -7.25 -12.70
C2 EDO K . 18.16 -8.54 -14.45
O2 EDO K . 19.47 -8.13 -14.11
C1 EDO L . 24.99 -4.69 7.17
O1 EDO L . 24.89 -5.90 7.93
C2 EDO L . 25.33 -3.62 8.19
O2 EDO L . 26.68 -3.84 8.63
C1 EDO M . 26.04 -0.78 4.48
O1 EDO M . 27.15 -0.66 3.56
C2 EDO M . 25.61 -2.21 4.42
O2 EDO M . 24.97 -2.35 3.13
C1 EDO N . 22.99 8.53 3.14
O1 EDO N . 22.05 8.67 2.05
C2 EDO N . 23.85 9.79 3.29
O2 EDO N . 23.12 10.80 3.99
C1 EDO O . 19.51 9.56 7.32
O1 EDO O . 18.47 9.60 6.35
C2 EDO O . 20.83 10.05 6.72
O2 EDO O . 21.27 9.13 5.74
#